data_8UK5
#
_entry.id   8UK5
#
_cell.length_a   41.080
_cell.length_b   48.580
_cell.length_c   83.320
_cell.angle_alpha   90.000
_cell.angle_beta   90.000
_cell.angle_gamma   90.000
#
_symmetry.space_group_name_H-M   'P 21 21 21'
#
loop_
_entity.id
_entity.type
_entity.pdbx_description
1 polymer 'ATPase family AAA domain-containing protein 2B'
2 polymer 'Histone H4S1(ph)K5ac'
3 water water
#
loop_
_entity_poly.entity_id
_entity_poly.type
_entity_poly.pdbx_seq_one_letter_code
_entity_poly.pdbx_strand_id
1 'polypeptide(L)'
;GPLEDQEENTLRELRLFLRDVTKRLATDKRFNIFSKPVDIEEVSDYLEVIKEPMDLSTVITKIDKHNYLTAKDFLKDIDL
ICSNALEYNPDKDPGDKIIRHRACTLKDTAHAIIAAELDPEFNKLCEEIKEARIKR
;
A
2 'polypeptide(L)' (SEP)GRG(ALY)GGKGLGKGG B
#
# COMPACT_ATOMS: atom_id res chain seq x y z
N PRO A 2 -20.66 20.92 -11.03
CA PRO A 2 -21.77 20.33 -11.79
C PRO A 2 -21.96 18.85 -11.43
N LEU A 3 -23.22 18.39 -11.33
CA LEU A 3 -23.46 17.03 -10.88
C LEU A 3 -22.78 15.99 -11.77
N GLU A 4 -22.70 16.25 -13.08
CA GLU A 4 -22.09 15.30 -14.00
C GLU A 4 -20.60 15.12 -13.76
N ASP A 5 -19.98 16.06 -13.05
CA ASP A 5 -18.54 16.00 -12.77
C ASP A 5 -18.26 15.38 -11.41
N GLN A 6 -19.30 14.95 -10.70
CA GLN A 6 -19.16 14.52 -9.32
C GLN A 6 -18.30 13.28 -9.19
N GLU A 7 -18.48 12.32 -10.09
CA GLU A 7 -17.70 11.09 -10.01
C GLU A 7 -16.24 11.41 -10.16
N GLU A 8 -15.92 12.14 -11.21
CA GLU A 8 -14.53 12.49 -11.46
C GLU A 8 -13.96 13.33 -10.34
N ASN A 9 -14.74 14.28 -9.82
CA ASN A 9 -14.24 15.16 -8.77
C ASN A 9 -13.95 14.36 -7.51
N THR A 10 -14.84 13.43 -7.16
CA THR A 10 -14.63 12.59 -6.00
C THR A 10 -13.36 11.75 -6.13
N LEU A 11 -13.18 11.12 -7.29
CA LEU A 11 -12.04 10.22 -7.43
C LEU A 11 -10.73 10.99 -7.49
N ARG A 12 -10.74 12.19 -8.04
CA ARG A 12 -9.58 13.01 -8.04
C ARG A 12 -9.21 13.33 -6.61
N GLU A 13 -10.18 13.69 -5.78
CA GLU A 13 -9.92 13.97 -4.38
C GLU A 13 -9.34 12.75 -3.68
N LEU A 14 -9.92 11.58 -3.96
CA LEU A 14 -9.40 10.35 -3.36
C LEU A 14 -7.95 10.13 -3.77
N ARG A 15 -7.65 10.22 -5.07
CA ARG A 15 -6.29 9.96 -5.53
C ARG A 15 -5.30 10.93 -4.90
N LEU A 16 -5.69 12.21 -4.77
CA LEU A 16 -4.82 13.19 -4.15
C LEU A 16 -4.50 12.79 -2.72
N PHE A 17 -5.53 12.36 -1.98
CA PHE A 17 -5.35 11.89 -0.60
C PHE A 17 -4.44 10.66 -0.56
N LEU A 18 -4.73 9.65 -1.39
CA LEU A 18 -3.92 8.43 -1.38
C LEU A 18 -2.47 8.73 -1.74
N ARG A 19 -2.26 9.64 -2.70
CA ARG A 19 -0.89 9.96 -3.07
C ARG A 19 -0.16 10.65 -1.92
N ASP A 20 -0.87 11.48 -1.15
CA ASP A 20 -0.26 12.10 0.02
C ASP A 20 0.06 11.06 1.08
N VAL A 21 -0.88 10.16 1.35
CA VAL A 21 -0.64 9.10 2.33
C VAL A 21 0.57 8.27 1.93
N THR A 22 0.62 7.86 0.66
CA THR A 22 1.70 6.99 0.21
C THR A 22 3.05 7.71 0.31
N LYS A 23 3.08 9.00 -0.02
CA LYS A 23 4.31 9.78 0.15
C LYS A 23 4.72 9.84 1.61
N ARG A 24 3.75 10.05 2.52
CA ARG A 24 4.08 10.06 3.95
C ARG A 24 4.66 8.72 4.38
N LEU A 25 4.15 7.62 3.86
CA LEU A 25 4.70 6.31 4.20
C LEU A 25 6.07 6.10 3.56
N ALA A 26 6.20 6.45 2.28
CA ALA A 26 7.44 6.15 1.57
C ALA A 26 8.62 6.98 2.09
N THR A 27 8.35 8.17 2.64
CA THR A 27 9.43 8.98 3.18
C THR A 27 9.71 8.72 4.65
N ASP A 28 8.89 7.91 5.32
CA ASP A 28 9.14 7.52 6.70
C ASP A 28 10.32 6.56 6.71
N LYS A 29 11.35 6.89 7.51
CA LYS A 29 12.57 6.09 7.54
C LYS A 29 12.30 4.63 7.88
N ARG A 30 11.28 4.38 8.71
CA ARG A 30 10.98 3.00 9.10
C ARG A 30 10.59 2.15 7.91
N PHE A 31 10.01 2.76 6.87
CA PHE A 31 9.44 2.00 5.76
C PHE A 31 10.27 2.07 4.49
N ASN A 32 11.52 2.53 4.57
CA ASN A 32 12.34 2.66 3.38
C ASN A 32 12.45 1.35 2.61
N ILE A 33 12.55 0.23 3.32
CA ILE A 33 12.74 -1.05 2.64
C ILE A 33 11.51 -1.43 1.81
N PHE A 34 10.36 -0.80 2.07
CA PHE A 34 9.14 -1.07 1.31
C PHE A 34 8.88 -0.05 0.22
N SER A 35 9.78 0.90 0.03
CA SER A 35 9.53 2.03 -0.86
C SER A 35 9.79 1.71 -2.33
N LYS A 36 10.53 0.65 -2.62
CA LYS A 36 10.87 0.26 -3.98
C LYS A 36 10.71 -1.24 -4.08
N PRO A 37 10.50 -1.78 -5.29
CA PRO A 37 10.41 -3.24 -5.41
C PRO A 37 11.62 -3.93 -4.83
N VAL A 38 11.39 -5.09 -4.20
CA VAL A 38 12.51 -5.90 -3.74
C VAL A 38 13.39 -6.21 -4.94
N ASP A 39 14.70 -6.09 -4.76
CA ASP A 39 15.62 -6.28 -5.88
C ASP A 39 15.71 -7.78 -6.16
N ILE A 40 15.10 -8.23 -7.26
CA ILE A 40 15.01 -9.65 -7.54
C ILE A 40 16.35 -10.27 -7.89
N GLU A 41 17.39 -9.45 -8.14
CA GLU A 41 18.73 -9.96 -8.38
C GLU A 41 19.55 -10.06 -7.10
N GLU A 42 19.31 -9.18 -6.13
CA GLU A 42 20.00 -9.28 -4.84
C GLU A 42 19.34 -10.33 -3.96
N VAL A 43 18.01 -10.41 -3.99
CA VAL A 43 17.27 -11.43 -3.26
C VAL A 43 16.81 -12.43 -4.31
N SER A 44 17.70 -13.35 -4.69
CA SER A 44 17.50 -14.18 -5.87
C SER A 44 16.32 -15.13 -5.75
N ASP A 45 15.83 -15.39 -4.55
CA ASP A 45 14.70 -16.30 -4.36
C ASP A 45 13.40 -15.58 -4.08
N TYR A 46 13.37 -14.25 -4.22
CA TYR A 46 12.18 -13.51 -3.82
C TYR A 46 10.97 -13.90 -4.65
N LEU A 47 11.11 -13.93 -5.98
CA LEU A 47 9.99 -14.28 -6.84
C LEU A 47 9.60 -15.76 -6.74
N GLU A 48 10.53 -16.62 -6.31
CA GLU A 48 10.17 -18.01 -6.07
C GLU A 48 9.15 -18.13 -4.95
N VAL A 49 9.24 -17.24 -3.97
CA VAL A 49 8.38 -17.31 -2.79
C VAL A 49 7.14 -16.44 -2.95
N ILE A 50 7.28 -15.26 -3.55
CA ILE A 50 6.27 -14.22 -3.50
C ILE A 50 5.62 -14.10 -4.87
N LYS A 51 4.32 -14.37 -4.93
CA LYS A 51 3.60 -14.43 -6.20
C LYS A 51 3.25 -13.05 -6.73
N GLU A 52 2.92 -12.10 -5.85
CA GLU A 52 2.55 -10.75 -6.27
C GLU A 52 3.34 -9.72 -5.48
N PRO A 53 4.53 -9.36 -5.96
CA PRO A 53 5.29 -8.29 -5.31
C PRO A 53 4.49 -6.99 -5.28
N MET A 54 4.74 -6.18 -4.25
CA MET A 54 4.14 -4.86 -4.15
C MET A 54 5.06 -4.00 -3.32
N ASP A 55 5.03 -2.70 -3.58
CA ASP A 55 5.87 -1.76 -2.85
C ASP A 55 5.24 -0.38 -3.03
N LEU A 56 5.75 0.59 -2.27
CA LEU A 56 5.10 1.90 -2.22
C LEU A 56 5.22 2.67 -3.51
N SER A 57 6.33 2.50 -4.24
N SER A 57 6.34 2.51 -4.23
N SER A 57 6.35 2.53 -4.22
CA SER A 57 6.47 3.18 -5.53
CA SER A 57 6.45 3.18 -5.52
CA SER A 57 6.46 3.17 -5.52
C SER A 57 5.50 2.61 -6.56
C SER A 57 5.47 2.62 -6.53
C SER A 57 5.42 2.64 -6.49
N THR A 58 5.21 1.32 -6.47
CA THR A 58 4.22 0.72 -7.36
C THR A 58 2.83 1.19 -6.97
N VAL A 59 2.57 1.39 -5.67
CA VAL A 59 1.29 1.91 -5.24
C VAL A 59 1.07 3.31 -5.82
N ILE A 60 2.08 4.18 -5.80
CA ILE A 60 1.94 5.50 -6.43
C ILE A 60 1.54 5.35 -7.89
N THR A 61 2.22 4.47 -8.62
CA THR A 61 1.91 4.28 -10.03
C THR A 61 0.48 3.82 -10.19
N LYS A 62 0.02 2.92 -9.31
CA LYS A 62 -1.33 2.40 -9.40
C LYS A 62 -2.36 3.47 -9.08
N ILE A 63 -2.03 4.41 -8.19
CA ILE A 63 -2.90 5.56 -8.01
C ILE A 63 -3.07 6.28 -9.32
N ASP A 64 -1.95 6.61 -9.97
CA ASP A 64 -1.98 7.37 -11.22
C ASP A 64 -2.61 6.59 -12.37
N LYS A 65 -2.56 5.25 -12.32
CA LYS A 65 -3.23 4.44 -13.33
C LYS A 65 -4.71 4.26 -13.03
N HIS A 66 -5.21 4.83 -11.94
CA HIS A 66 -6.64 4.78 -11.58
C HIS A 66 -7.07 3.38 -11.19
N ASN A 67 -6.18 2.66 -10.52
CA ASN A 67 -6.50 1.31 -10.07
C ASN A 67 -7.33 1.32 -8.80
N TYR A 68 -7.37 2.44 -8.05
CA TYR A 68 -8.02 2.47 -6.74
C TYR A 68 -9.23 3.38 -6.83
N LEU A 69 -10.39 2.85 -6.49
CA LEU A 69 -11.60 3.63 -6.46
C LEU A 69 -12.06 3.92 -5.03
N THR A 70 -11.47 3.25 -4.05
CA THR A 70 -11.80 3.44 -2.64
C THR A 70 -10.50 3.32 -1.85
N ALA A 71 -10.52 3.87 -0.63
CA ALA A 71 -9.40 3.67 0.27
C ALA A 71 -9.20 2.19 0.57
N LYS A 72 -10.27 1.40 0.62
CA LYS A 72 -10.13 -0.03 0.87
C LYS A 72 -9.35 -0.72 -0.24
N ASP A 73 -9.60 -0.31 -1.50
CA ASP A 73 -8.81 -0.83 -2.62
C ASP A 73 -7.33 -0.59 -2.39
N PHE A 74 -7.00 0.63 -1.97
CA PHE A 74 -5.62 1.00 -1.72
C PHE A 74 -5.03 0.20 -0.57
N LEU A 75 -5.81 0.02 0.49
CA LEU A 75 -5.32 -0.71 1.65
C LEU A 75 -5.05 -2.17 1.31
N LYS A 76 -5.74 -2.73 0.32
CA LYS A 76 -5.43 -4.11 -0.08
C LYS A 76 -3.97 -4.21 -0.52
N ASP A 77 -3.47 -3.18 -1.22
CA ASP A 77 -2.07 -3.26 -1.66
C ASP A 77 -1.09 -2.94 -0.53
N ILE A 78 -1.44 -2.10 0.41
CA ILE A 78 -0.59 -1.93 1.54
C ILE A 78 -0.52 -3.25 2.33
N ASP A 79 -1.67 -3.86 2.51
CA ASP A 79 -1.72 -5.15 3.21
C ASP A 79 -0.89 -6.20 2.48
N LEU A 80 -0.86 -6.13 1.15
CA LEU A 80 -0.07 -7.06 0.36
C LEU A 80 1.42 -6.86 0.61
N ILE A 81 1.84 -5.61 0.77
CA ILE A 81 3.23 -5.29 1.02
C ILE A 81 3.67 -5.91 2.35
N CYS A 82 2.80 -5.79 3.36
N CYS A 82 2.81 -5.84 3.34
CA CYS A 82 3.09 -6.33 4.68
CA CYS A 82 3.12 -6.39 4.64
C CYS A 82 2.99 -7.86 4.67
C CYS A 82 3.02 -7.90 4.62
N SER A 83 2.02 -8.37 3.93
N SER A 83 2.02 -8.38 3.92
CA SER A 83 1.80 -9.81 3.83
CA SER A 83 1.81 -9.82 3.83
C SER A 83 3.00 -10.48 3.14
C SER A 83 3.00 -10.48 3.14
N ASN A 84 3.54 -9.81 2.13
CA ASN A 84 4.68 -10.33 1.39
C ASN A 84 5.91 -10.43 2.28
N ALA A 85 6.11 -9.44 3.14
CA ALA A 85 7.24 -9.42 4.05
C ALA A 85 7.15 -10.55 5.07
N LEU A 86 5.94 -10.84 5.56
CA LEU A 86 5.77 -11.91 6.54
C LEU A 86 5.86 -13.28 5.90
N GLU A 87 5.49 -13.39 4.62
CA GLU A 87 5.56 -14.67 3.91
C GLU A 87 6.99 -14.98 3.48
N TYR A 88 7.73 -13.94 3.06
CA TYR A 88 9.07 -14.14 2.53
C TYR A 88 10.11 -14.29 3.64
N ASN A 89 10.12 -13.36 4.57
CA ASN A 89 11.25 -13.28 5.49
C ASN A 89 11.11 -14.32 6.59
N PRO A 90 12.13 -15.11 6.85
CA PRO A 90 12.07 -16.05 7.95
C PRO A 90 12.25 -15.34 9.27
N ASP A 91 11.97 -16.04 10.35
CA ASP A 91 12.13 -15.47 11.68
C ASP A 91 13.39 -16.03 12.34
N LYS A 92 14.52 -15.84 11.66
CA LYS A 92 15.79 -16.42 12.09
C LYS A 92 16.69 -15.41 12.77
N ASP A 93 17.08 -14.37 12.05
CA ASP A 93 18.11 -13.45 12.49
C ASP A 93 17.52 -12.10 12.85
N PRO A 94 18.24 -11.26 13.60
CA PRO A 94 17.65 -9.96 13.98
C PRO A 94 17.25 -9.10 12.79
N GLY A 95 18.02 -9.12 11.70
CA GLY A 95 17.61 -8.37 10.52
C GLY A 95 16.27 -8.83 9.97
N ASP A 96 16.00 -10.12 10.03
CA ASP A 96 14.72 -10.66 9.59
C ASP A 96 13.61 -10.13 10.48
N LYS A 97 13.85 -10.14 11.78
CA LYS A 97 12.85 -9.70 12.75
C LYS A 97 12.53 -8.22 12.57
N ILE A 98 13.55 -7.41 12.28
CA ILE A 98 13.31 -5.99 12.07
C ILE A 98 12.39 -5.77 10.88
N ILE A 99 12.66 -6.47 9.78
CA ILE A 99 11.85 -6.28 8.57
C ILE A 99 10.42 -6.70 8.85
N ARG A 100 10.25 -7.85 9.51
CA ARG A 100 8.91 -8.36 9.78
C ARG A 100 8.14 -7.42 10.70
N HIS A 101 8.79 -6.91 11.74
CA HIS A 101 8.17 -5.92 12.61
C HIS A 101 7.77 -4.69 11.83
N ARG A 102 8.69 -4.15 11.04
CA ARG A 102 8.45 -2.97 10.24
C ARG A 102 7.31 -3.14 9.26
N ALA A 103 7.15 -4.31 8.71
CA ALA A 103 6.03 -4.56 7.84
C ALA A 103 4.71 -4.40 8.58
N CYS A 104 4.64 -4.93 9.79
CA CYS A 104 3.42 -4.79 10.56
C CYS A 104 3.18 -3.34 10.97
N THR A 105 4.26 -2.61 11.30
CA THR A 105 4.12 -1.20 11.63
C THR A 105 3.59 -0.42 10.42
N LEU A 106 4.10 -0.74 9.22
CA LEU A 106 3.61 -0.08 8.02
C LEU A 106 2.11 -0.31 7.85
N LYS A 107 1.66 -1.53 8.01
CA LYS A 107 0.27 -1.84 7.88
C LYS A 107 -0.55 -1.07 8.90
N ASP A 108 -0.18 -1.13 10.15
CA ASP A 108 -0.92 -0.44 11.20
C ASP A 108 -0.95 1.06 10.94
N THR A 109 0.19 1.62 10.55
CA THR A 109 0.25 3.07 10.32
C THR A 109 -0.66 3.47 9.17
N ALA A 110 -0.65 2.70 8.08
CA ALA A 110 -1.50 3.03 6.94
C ALA A 110 -2.97 2.93 7.29
N HIS A 111 -3.37 1.87 7.99
CA HIS A 111 -4.77 1.73 8.35
C HIS A 111 -5.20 2.84 9.30
N ALA A 112 -4.30 3.26 10.20
CA ALA A 112 -4.65 4.31 11.16
C ALA A 112 -4.83 5.65 10.46
N ILE A 113 -3.98 5.96 9.45
CA ILE A 113 -4.13 7.21 8.72
C ILE A 113 -5.47 7.24 8.00
N ILE A 114 -5.81 6.15 7.31
CA ILE A 114 -7.08 6.09 6.58
C ILE A 114 -8.25 6.28 7.54
N ALA A 115 -8.22 5.57 8.66
CA ALA A 115 -9.33 5.66 9.62
C ALA A 115 -9.45 7.06 10.20
N ALA A 116 -8.33 7.76 10.38
CA ALA A 116 -8.37 9.07 11.01
C ALA A 116 -8.70 10.21 10.05
N GLU A 117 -8.29 10.11 8.79
CA GLU A 117 -8.27 11.28 7.92
C GLU A 117 -9.28 11.25 6.79
N LEU A 118 -10.03 10.16 6.62
CA LEU A 118 -11.03 10.06 5.57
C LEU A 118 -12.41 10.02 6.20
N ASP A 119 -13.30 10.85 5.68
CA ASP A 119 -14.66 10.91 6.21
C ASP A 119 -15.39 9.64 5.83
N PRO A 120 -15.99 8.93 6.78
CA PRO A 120 -16.79 7.74 6.40
C PRO A 120 -17.84 8.04 5.34
N GLU A 121 -18.41 9.25 5.34
CA GLU A 121 -19.41 9.61 4.35
C GLU A 121 -18.79 9.72 2.96
N PHE A 122 -17.60 10.31 2.87
CA PHE A 122 -16.87 10.35 1.60
C PHE A 122 -16.58 8.94 1.10
N ASN A 123 -16.24 8.04 2.01
CA ASN A 123 -15.98 6.66 1.60
CA ASN A 123 -15.98 6.66 1.61
C ASN A 123 -17.22 6.01 1.01
N LYS A 124 -18.39 6.27 1.61
CA LYS A 124 -19.63 5.72 1.04
C LYS A 124 -19.82 6.24 -0.38
N LEU A 125 -19.47 7.50 -0.61
CA LEU A 125 -19.56 8.05 -1.96
C LEU A 125 -18.60 7.33 -2.90
N CYS A 126 -17.38 7.07 -2.45
CA CYS A 126 -16.43 6.30 -3.27
C CYS A 126 -16.98 4.91 -3.56
N GLU A 127 -17.56 4.26 -2.55
CA GLU A 127 -18.12 2.93 -2.76
C GLU A 127 -19.29 2.97 -3.74
N GLU A 128 -20.13 4.01 -3.64
CA GLU A 128 -21.25 4.14 -4.56
C GLU A 128 -20.74 4.26 -5.99
N ILE A 129 -19.67 5.03 -6.19
CA ILE A 129 -19.09 5.19 -7.52
C ILE A 129 -18.53 3.86 -8.00
N LYS A 130 -17.78 3.18 -7.13
CA LYS A 130 -17.19 1.89 -7.46
C LYS A 130 -18.24 0.81 -7.69
N GLU A 131 -19.42 1.02 -7.12
CA GLU A 131 -20.51 0.06 -7.27
C GLU A 131 -21.31 0.32 -8.54
N ALA A 132 -21.05 1.47 -9.17
CA ALA A 132 -21.74 1.84 -10.41
C ALA A 132 -20.92 1.47 -11.64
N ARG A 133 -19.78 0.83 -11.41
CA ARG A 133 -18.90 0.43 -12.50
C ARG A 133 -18.59 -1.06 -12.44
N GLY B 2 11.61 -17.59 2.38
CA GLY B 2 12.85 -17.65 1.61
C GLY B 2 14.08 -17.62 2.50
N ARG B 3 15.25 -17.43 1.87
CA ARG B 3 16.48 -17.41 2.62
C ARG B 3 16.62 -16.15 3.46
N GLY B 4 15.94 -15.08 3.08
CA GLY B 4 16.04 -13.83 3.81
C GLY B 4 16.97 -12.87 3.09
N GLY B 6 19.55 -11.06 4.91
CA GLY B 6 20.77 -10.85 5.67
C GLY B 6 21.98 -11.51 5.03
#